data_4J5R
#
_entry.id   4J5R
#
_cell.length_a   50.803
_cell.length_b   72.004
_cell.length_c   81.919
_cell.angle_alpha   90.00
_cell.angle_beta   90.00
_cell.angle_gamma   90.00
#
_symmetry.space_group_name_H-M   'P 21 21 21'
#
loop_
_entity.id
_entity.type
_entity.pdbx_description
1 polymer 'O-acetyl-ADP-ribose deacetylase 1'
2 non-polymer "5'-O-[(S)-{[(S)-{[(2R,3R,4S)-3,4-DIHYDROXYPYRROLIDIN-2-YL]METHOXY}(HYDROXY)PHOSPHORYL]OXY}(HYDROXY)PHOSPHORYL]ADENOSINE"
3 non-polymer 'CHLORIDE ION'
4 non-polymer 1,2-ETHANEDIOL
5 water water
#
_entity_poly.entity_id   1
_entity_poly.type   'polypeptide(L)'
_entity_poly.pdbx_seq_one_letter_code
;GSHMGSRITYVKGDLFACPKTDSLAHCISEDCRMGAGIAVLFKKKFGGVQELLNQQKKSGEVAVLKRDGRYIYYLITKKR
ASHKPTYENLQKSLEAMKSHCLKNGVTDLSMPRIGCGLDRLQWENVSAMIEEVFEATDIKITVYTL
;
_entity_poly.pdbx_strand_id   A,B
#
loop_
_chem_comp.id
_chem_comp.type
_chem_comp.name
_chem_comp.formula
A1R non-polymer 5'-O-[(S)-{[(S)-{[(2R,3R,4S)-3,4-DIHYDROXYPYRROLIDIN-2-YL]METHOXY}(HYDROXY)PHOSPHORYL]OXY}(HYDROXY)PHOSPHORYL]ADENOSINE 'C15 H24 N6 O12 P2'
CL non-polymer 'CHLORIDE ION' 'Cl -1'
EDO non-polymer 1,2-ETHANEDIOL 'C2 H6 O2'
#
# COMPACT_ATOMS: atom_id res chain seq x y z
N SER A 6 -0.02 -21.71 -23.00
CA SER A 6 0.40 -20.28 -23.18
CA SER A 6 0.29 -20.27 -23.16
C SER A 6 0.91 -19.66 -21.89
N ARG A 7 2.02 -18.97 -22.03
CA ARG A 7 2.61 -18.24 -20.92
C ARG A 7 1.69 -17.15 -20.43
N ILE A 8 1.02 -16.54 -21.39
CA ILE A 8 0.19 -15.38 -21.13
C ILE A 8 -1.27 -15.77 -21.30
N THR A 9 -2.06 -15.41 -20.29
CA THR A 9 -3.50 -15.46 -20.33
C THR A 9 -4.00 -14.03 -20.36
N TYR A 10 -4.99 -13.74 -21.21
CA TYR A 10 -5.55 -12.39 -21.30
C TYR A 10 -6.90 -12.30 -20.62
N VAL A 11 -7.09 -11.21 -19.88
CA VAL A 11 -8.36 -10.90 -19.21
C VAL A 11 -8.74 -9.46 -19.54
N LYS A 12 -10.01 -9.30 -19.87
CA LYS A 12 -10.61 -7.99 -20.04
C LYS A 12 -11.19 -7.56 -18.68
N GLY A 13 -10.68 -6.47 -18.16
CA GLY A 13 -11.17 -5.92 -16.90
C GLY A 13 -10.07 -5.19 -16.16
N ASP A 14 -10.28 -5.13 -14.84
CA ASP A 14 -9.58 -4.28 -13.93
C ASP A 14 -8.41 -5.13 -13.43
N LEU A 15 -7.18 -4.70 -13.76
CA LEU A 15 -5.98 -5.32 -13.23
C LEU A 15 -6.08 -5.49 -11.73
N PHE A 16 -6.67 -4.49 -11.06
CA PHE A 16 -6.62 -4.45 -9.59
C PHE A 16 -7.65 -5.35 -8.91
N ALA A 17 -8.47 -5.99 -9.72
CA ALA A 17 -9.36 -7.04 -9.26
C ALA A 17 -8.82 -8.44 -9.54
N CYS A 18 -7.57 -8.53 -9.97
CA CYS A 18 -6.88 -9.83 -10.02
C CYS A 18 -6.75 -10.43 -8.62
N PRO A 19 -6.35 -11.71 -8.52
CA PRO A 19 -6.26 -12.30 -7.19
C PRO A 19 -5.28 -11.55 -6.28
N LYS A 20 -5.63 -11.48 -5.02
N LYS A 20 -5.63 -11.46 -5.02
CA LYS A 20 -4.87 -10.75 -4.02
CA LYS A 20 -4.84 -10.69 -4.07
C LYS A 20 -3.55 -11.43 -3.70
C LYS A 20 -3.50 -11.36 -3.83
N THR A 21 -3.42 -12.66 -4.16
CA THR A 21 -2.19 -13.44 -4.00
C THR A 21 -1.22 -13.25 -5.18
N ASP A 22 -1.70 -12.73 -6.32
CA ASP A 22 -0.82 -12.46 -7.46
C ASP A 22 0.11 -11.32 -7.10
N SER A 23 1.32 -11.39 -7.65
CA SER A 23 2.20 -10.22 -7.71
C SER A 23 1.81 -9.41 -8.97
N LEU A 24 2.14 -8.15 -8.94
CA LEU A 24 1.77 -7.20 -9.99
C LEU A 24 3.01 -6.58 -10.58
N ALA A 25 2.89 -6.11 -11.82
CA ALA A 25 3.98 -5.40 -12.47
C ALA A 25 3.49 -4.30 -13.37
N HIS A 26 4.31 -3.25 -13.48
CA HIS A 26 4.10 -2.20 -14.47
C HIS A 26 5.40 -1.42 -14.63
N CYS A 27 5.43 -0.52 -15.62
CA CYS A 27 6.65 0.21 -16.00
C CYS A 27 6.65 1.66 -15.50
N ILE A 28 7.77 2.13 -14.96
CA ILE A 28 7.93 3.51 -14.57
C ILE A 28 9.34 3.97 -14.92
N SER A 29 9.61 5.25 -14.66
CA SER A 29 10.94 5.81 -14.78
C SER A 29 11.70 5.85 -13.48
N GLU A 30 12.97 6.19 -13.57
CA GLU A 30 13.78 6.40 -12.37
C GLU A 30 13.20 7.51 -11.48
N ASP A 31 12.49 8.45 -12.06
CA ASP A 31 11.94 9.55 -11.29
C ASP A 31 10.78 9.14 -10.36
N CYS A 32 10.20 7.95 -10.54
N CYS A 32 10.12 8.05 -10.71
CA CYS A 32 9.05 7.53 -9.73
CA CYS A 32 9.08 7.47 -9.92
C CYS A 32 7.98 8.63 -9.59
C CYS A 32 7.86 8.42 -9.71
N ARG A 33 7.63 9.27 -10.71
CA ARG A 33 6.55 10.25 -10.70
C ARG A 33 5.17 9.58 -10.85
N MET A 34 5.07 8.60 -11.70
CA MET A 34 3.85 7.79 -11.84
C MET A 34 2.60 8.65 -12.02
N GLY A 35 2.64 9.59 -12.96
CA GLY A 35 1.60 10.61 -13.06
C GLY A 35 0.49 10.37 -14.06
N ALA A 36 0.62 9.29 -14.83
CA ALA A 36 -0.27 9.02 -15.92
C ALA A 36 -0.49 7.54 -16.10
N GLY A 37 -1.33 7.16 -17.05
CA GLY A 37 -1.52 5.78 -17.38
C GLY A 37 -2.00 4.95 -16.22
N ILE A 38 -1.67 3.68 -16.22
CA ILE A 38 -1.96 2.81 -15.09
C ILE A 38 -1.07 3.17 -13.90
N ALA A 39 0.07 3.82 -14.14
CA ALA A 39 0.95 4.07 -13.03
C ALA A 39 0.33 4.92 -11.97
N VAL A 40 -0.44 5.94 -12.36
CA VAL A 40 -1.04 6.82 -11.37
C VAL A 40 -2.02 6.05 -10.45
N LEU A 41 -2.61 4.98 -11.00
CA LEU A 41 -3.45 4.09 -10.22
C LEU A 41 -2.66 3.20 -9.27
N PHE A 42 -1.50 2.71 -9.68
CA PHE A 42 -0.58 2.04 -8.74
C PHE A 42 -0.18 3.01 -7.63
N LYS A 43 0.10 4.26 -7.98
CA LYS A 43 0.48 5.24 -6.99
C LYS A 43 -0.62 5.44 -5.98
N LYS A 44 -1.83 5.66 -6.47
CA LYS A 44 -3.01 5.85 -5.57
C LYS A 44 -3.20 4.63 -4.68
N LYS A 45 -3.16 3.43 -5.26
CA LYS A 45 -3.53 2.22 -4.53
C LYS A 45 -2.50 1.84 -3.49
N PHE A 46 -1.22 1.91 -3.85
CA PHE A 46 -0.13 1.35 -3.05
C PHE A 46 0.81 2.37 -2.44
N GLY A 47 0.88 3.60 -2.98
CA GLY A 47 1.87 4.52 -2.49
C GLY A 47 3.28 3.98 -2.56
N GLY A 48 4.03 4.16 -1.51
CA GLY A 48 5.39 3.67 -1.45
C GLY A 48 6.45 4.42 -2.24
N VAL A 49 6.14 5.64 -2.68
CA VAL A 49 7.10 6.41 -3.48
C VAL A 49 8.43 6.58 -2.77
N GLN A 50 8.42 6.93 -1.50
CA GLN A 50 9.66 7.15 -0.75
CA GLN A 50 9.70 7.18 -0.87
C GLN A 50 10.50 5.89 -0.72
N GLU A 51 9.84 4.79 -0.38
CA GLU A 51 10.54 3.50 -0.32
C GLU A 51 11.13 3.14 -1.69
N LEU A 52 10.37 3.36 -2.77
CA LEU A 52 10.86 3.10 -4.10
C LEU A 52 12.07 3.96 -4.44
N LEU A 53 11.96 5.27 -4.19
CA LEU A 53 13.10 6.17 -4.45
C LEU A 53 14.35 5.71 -3.72
N ASN A 54 14.18 5.27 -2.49
CA ASN A 54 15.29 4.85 -1.68
C ASN A 54 16.03 3.63 -2.22
N GLN A 55 15.37 2.82 -3.02
CA GLN A 55 16.05 1.68 -3.63
C GLN A 55 17.03 2.10 -4.72
N GLN A 56 16.91 3.33 -5.25
CA GLN A 56 17.88 3.87 -6.20
CA GLN A 56 17.91 3.86 -6.18
C GLN A 56 18.11 2.92 -7.38
N LYS A 57 17.02 2.42 -7.91
CA LYS A 57 17.09 1.60 -9.10
CA LYS A 57 17.09 1.57 -9.08
C LYS A 57 17.13 2.41 -10.37
N LYS A 58 17.81 1.86 -11.36
CA LYS A 58 18.12 2.52 -12.62
CA LYS A 58 18.13 2.51 -12.63
C LYS A 58 17.48 1.80 -13.79
N SER A 59 17.49 2.47 -14.96
CA SER A 59 16.94 1.89 -16.19
CA SER A 59 16.93 1.89 -16.15
C SER A 59 17.50 0.47 -16.38
N GLY A 60 16.61 -0.48 -16.69
CA GLY A 60 16.95 -1.86 -16.85
C GLY A 60 16.90 -2.68 -15.57
N GLU A 61 16.46 -2.08 -14.47
CA GLU A 61 16.36 -2.75 -13.18
C GLU A 61 14.87 -2.79 -12.76
N VAL A 62 14.62 -3.33 -11.55
CA VAL A 62 13.30 -3.43 -10.99
C VAL A 62 13.34 -2.99 -9.54
N ALA A 63 12.41 -2.14 -9.14
CA ALA A 63 12.16 -1.80 -7.76
C ALA A 63 10.95 -2.59 -7.26
N VAL A 64 10.93 -2.89 -5.97
CA VAL A 64 9.93 -3.85 -5.49
C VAL A 64 9.33 -3.38 -4.16
N LEU A 65 8.01 -3.47 -4.05
CA LEU A 65 7.35 -3.31 -2.77
C LEU A 65 6.72 -4.62 -2.38
N LYS A 66 6.46 -4.70 -1.08
N LYS A 66 6.99 -5.04 -1.14
CA LYS A 66 5.60 -5.73 -0.51
CA LYS A 66 6.38 -6.24 -0.61
CA LYS A 66 5.14 -6.17 -0.08
C LYS A 66 4.30 -5.09 -0.10
C LYS A 66 5.14 -5.79 0.20
N ARG A 67 3.18 -5.59 -0.65
N ARG A 67 3.95 -6.28 -0.19
CA ARG A 67 1.82 -5.10 -0.32
CA ARG A 67 2.68 -5.91 0.46
C ARG A 67 0.83 -6.26 -0.32
C ARG A 67 1.79 -7.12 0.51
N ASP A 68 -0.06 -6.30 0.68
N ASP A 68 1.28 -7.39 1.72
CA ASP A 68 -1.10 -7.32 0.78
CA ASP A 68 0.37 -8.50 1.94
C ASP A 68 -0.56 -8.78 0.73
C ASP A 68 0.92 -9.83 1.42
N GLY A 69 0.67 -9.00 1.16
N GLY A 69 2.21 -10.07 1.59
CA GLY A 69 1.24 -10.35 1.14
CA GLY A 69 2.79 -11.37 1.26
C GLY A 69 1.83 -10.81 -0.19
C GLY A 69 3.12 -11.55 -0.22
N ARG A 70 1.95 -9.92 -1.16
N ARG A 70 2.90 -10.52 -1.02
CA ARG A 70 2.58 -10.25 -2.48
CA ARG A 70 3.20 -10.59 -2.43
C ARG A 70 3.53 -9.11 -2.91
C ARG A 70 3.93 -9.34 -2.81
N TYR A 71 4.21 -9.24 -4.09
CA TYR A 71 5.13 -8.21 -4.55
C TYR A 71 4.49 -7.33 -5.62
N ILE A 72 4.87 -6.07 -5.59
CA ILE A 72 4.48 -5.11 -6.61
C ILE A 72 5.81 -4.68 -7.25
N TYR A 73 5.96 -5.02 -8.54
CA TYR A 73 7.17 -4.78 -9.29
C TYR A 73 7.01 -3.50 -10.11
N TYR A 74 8.01 -2.64 -9.98
CA TYR A 74 8.13 -1.35 -10.68
C TYR A 74 9.31 -1.49 -11.63
N LEU A 75 8.99 -1.82 -12.88
CA LEU A 75 9.98 -2.06 -13.91
C LEU A 75 10.55 -0.72 -14.30
N ILE A 76 11.81 -0.46 -14.00
CA ILE A 76 12.42 0.82 -14.21
C ILE A 76 13.01 0.80 -15.60
N THR A 77 12.29 1.33 -16.59
CA THR A 77 12.64 1.08 -17.98
C THR A 77 13.28 2.28 -18.69
N LYS A 78 13.43 3.39 -17.97
CA LYS A 78 13.89 4.65 -18.55
C LYS A 78 14.25 5.60 -17.44
N LYS A 79 14.96 6.67 -17.79
CA LYS A 79 15.48 7.62 -16.81
CA LYS A 79 15.47 7.59 -16.79
C LYS A 79 14.43 8.64 -16.35
N ARG A 80 13.87 9.37 -17.28
CA ARG A 80 12.92 10.45 -16.96
C ARG A 80 11.52 10.04 -17.37
N ALA A 81 10.52 10.60 -16.71
CA ALA A 81 9.13 10.26 -16.99
C ALA A 81 8.78 10.49 -18.44
N SER A 82 9.32 11.60 -19.00
CA SER A 82 9.03 11.96 -20.39
C SER A 82 9.74 11.11 -21.41
N HIS A 83 10.74 10.34 -21.04
CA HIS A 83 11.44 9.53 -22.03
C HIS A 83 10.57 8.41 -22.53
N LYS A 84 11.02 7.75 -23.58
CA LYS A 84 10.46 6.53 -24.05
C LYS A 84 11.50 5.44 -23.89
N PRO A 85 11.07 4.26 -23.49
CA PRO A 85 12.04 3.19 -23.23
C PRO A 85 12.55 2.52 -24.51
N THR A 86 13.70 1.87 -24.38
CA THR A 86 14.15 0.93 -25.37
C THR A 86 13.65 -0.45 -25.06
N TYR A 87 13.52 -1.30 -26.09
CA TYR A 87 13.21 -2.70 -25.85
C TYR A 87 14.29 -3.35 -24.98
N GLU A 88 15.55 -2.98 -25.18
CA GLU A 88 16.64 -3.56 -24.39
C GLU A 88 16.45 -3.31 -22.89
N ASN A 89 16.08 -2.08 -22.51
CA ASN A 89 15.91 -1.80 -21.09
C ASN A 89 14.65 -2.44 -20.53
N LEU A 90 13.58 -2.51 -21.31
CA LEU A 90 12.43 -3.31 -20.87
C LEU A 90 12.85 -4.72 -20.62
N GLN A 91 13.59 -5.32 -21.56
CA GLN A 91 13.98 -6.71 -21.39
C GLN A 91 14.83 -6.90 -20.13
N LYS A 92 15.78 -6.01 -19.91
N LYS A 92 15.76 -6.00 -19.89
CA LYS A 92 16.59 -6.11 -18.69
CA LYS A 92 16.58 -6.11 -18.68
C LYS A 92 15.68 -6.07 -17.46
C LYS A 92 15.76 -5.99 -17.41
N SER A 93 14.77 -5.11 -17.42
CA SER A 93 13.92 -5.00 -16.27
CA SER A 93 13.92 -4.98 -16.26
C SER A 93 13.09 -6.25 -16.06
N LEU A 94 12.57 -6.83 -17.14
CA LEU A 94 11.83 -8.06 -17.04
C LEU A 94 12.69 -9.20 -16.48
N GLU A 95 13.94 -9.28 -16.95
CA GLU A 95 14.88 -10.27 -16.46
CA GLU A 95 14.91 -10.28 -16.45
C GLU A 95 15.17 -10.08 -14.96
N ALA A 96 15.25 -8.84 -14.51
CA ALA A 96 15.43 -8.55 -13.10
C ALA A 96 14.23 -8.98 -12.32
N MET A 97 13.02 -8.73 -12.80
CA MET A 97 11.82 -9.23 -12.17
C MET A 97 11.79 -10.75 -12.12
N LYS A 98 12.13 -11.40 -13.22
CA LYS A 98 12.17 -12.86 -13.26
C LYS A 98 13.11 -13.41 -12.19
N SER A 99 14.29 -12.82 -12.08
CA SER A 99 15.24 -13.32 -11.09
CA SER A 99 15.28 -13.26 -11.07
C SER A 99 14.68 -13.19 -9.67
N HIS A 100 14.04 -12.08 -9.36
CA HIS A 100 13.42 -11.88 -8.07
C HIS A 100 12.29 -12.85 -7.86
N CYS A 101 11.46 -13.08 -8.87
CA CYS A 101 10.40 -14.05 -8.77
C CYS A 101 10.90 -15.42 -8.43
N LEU A 102 11.92 -15.87 -9.14
CA LEU A 102 12.46 -17.21 -8.90
C LEU A 102 12.99 -17.33 -7.49
N LYS A 103 13.76 -16.36 -7.06
CA LYS A 103 14.43 -16.40 -5.74
C LYS A 103 13.41 -16.39 -4.65
N ASN A 104 12.26 -15.74 -4.86
CA ASN A 104 11.25 -15.50 -3.81
C ASN A 104 9.97 -16.31 -3.98
N GLY A 105 9.97 -17.26 -4.91
CA GLY A 105 8.87 -18.20 -5.05
C GLY A 105 7.59 -17.63 -5.66
N VAL A 106 7.68 -16.56 -6.47
CA VAL A 106 6.52 -15.98 -7.13
C VAL A 106 6.20 -16.81 -8.33
N THR A 107 4.94 -17.24 -8.43
CA THR A 107 4.45 -18.08 -9.52
C THR A 107 3.31 -17.49 -10.33
N ASP A 108 2.72 -16.37 -9.91
CA ASP A 108 1.56 -15.80 -10.57
C ASP A 108 1.71 -14.27 -10.59
N LEU A 109 1.84 -13.73 -11.80
CA LEU A 109 2.03 -12.26 -12.07
CA LEU A 109 2.05 -12.34 -12.01
C LEU A 109 0.88 -11.78 -12.87
N SER A 110 0.39 -10.59 -12.52
CA SER A 110 -0.62 -9.89 -13.33
C SER A 110 -0.05 -8.51 -13.71
N MET A 111 -0.39 -8.06 -14.91
CA MET A 111 0.17 -6.83 -15.44
C MET A 111 -0.76 -6.30 -16.54
N PRO A 112 -0.63 -5.00 -16.89
CA PRO A 112 -1.27 -4.47 -18.07
C PRO A 112 -0.38 -4.78 -19.29
N ARG A 113 -0.72 -4.21 -20.44
CA ARG A 113 0.11 -4.30 -21.64
CA ARG A 113 0.11 -4.30 -21.64
C ARG A 113 1.31 -3.39 -21.47
N ILE A 114 2.24 -3.82 -20.61
CA ILE A 114 3.36 -3.01 -20.21
C ILE A 114 4.17 -2.47 -21.39
N GLY A 115 4.52 -1.18 -21.29
CA GLY A 115 5.31 -0.51 -22.27
C GLY A 115 4.56 -0.02 -23.51
N CYS A 116 3.29 -0.39 -23.64
CA CYS A 116 2.58 -0.30 -24.94
C CYS A 116 1.46 0.75 -24.92
N GLY A 117 1.41 1.59 -23.88
CA GLY A 117 0.53 2.78 -23.82
C GLY A 117 1.38 3.99 -24.14
N LEU A 118 1.55 4.82 -23.14
CA LEU A 118 2.38 6.01 -23.26
C LEU A 118 3.78 5.75 -23.69
N ASP A 119 4.33 4.58 -23.34
CA ASP A 119 5.73 4.26 -23.68
C ASP A 119 5.95 3.82 -25.11
N ARG A 120 4.87 3.64 -25.86
CA ARG A 120 4.90 3.49 -27.32
C ARG A 120 5.51 2.22 -27.89
N LEU A 121 5.79 1.25 -27.05
CA LEU A 121 6.25 -0.04 -27.56
C LEU A 121 5.04 -0.77 -28.14
N GLN A 122 5.33 -1.83 -28.90
CA GLN A 122 4.27 -2.60 -29.58
C GLN A 122 4.03 -3.94 -28.88
N TRP A 123 2.78 -4.27 -28.59
CA TRP A 123 2.47 -5.49 -27.87
C TRP A 123 2.87 -6.73 -28.67
N GLU A 124 2.87 -6.68 -30.00
CA GLU A 124 3.32 -7.83 -30.75
CA GLU A 124 3.34 -7.80 -30.79
C GLU A 124 4.76 -8.19 -30.39
N ASN A 125 5.56 -7.20 -30.05
CA ASN A 125 6.95 -7.45 -29.63
C ASN A 125 7.00 -7.78 -28.14
N VAL A 126 6.39 -6.98 -27.28
CA VAL A 126 6.45 -7.18 -25.84
C VAL A 126 5.92 -8.55 -25.44
N SER A 127 4.84 -9.00 -26.05
CA SER A 127 4.34 -10.32 -25.75
C SER A 127 5.36 -11.42 -26.02
N ALA A 128 5.99 -11.36 -27.19
CA ALA A 128 7.03 -12.32 -27.54
C ALA A 128 8.19 -12.22 -26.56
N MET A 129 8.59 -11.01 -26.20
CA MET A 129 9.65 -10.81 -25.21
C MET A 129 9.33 -11.47 -23.87
N ILE A 130 8.11 -11.28 -23.38
CA ILE A 130 7.67 -11.92 -22.16
C ILE A 130 7.76 -13.43 -22.28
N GLU A 131 7.30 -13.99 -23.41
CA GLU A 131 7.37 -15.44 -23.62
C GLU A 131 8.80 -15.92 -23.59
N GLU A 132 9.73 -15.21 -24.24
CA GLU A 132 11.13 -15.63 -24.28
C GLU A 132 11.78 -15.52 -22.92
N VAL A 133 11.55 -14.45 -22.19
CA VAL A 133 12.16 -14.22 -20.90
C VAL A 133 11.67 -15.27 -19.90
N PHE A 134 10.38 -15.60 -19.92
CA PHE A 134 9.80 -16.44 -18.87
C PHE A 134 9.74 -17.91 -19.25
N GLU A 135 10.16 -18.28 -20.45
N GLU A 135 10.18 -18.29 -20.45
CA GLU A 135 10.22 -19.67 -20.82
CA GLU A 135 10.21 -19.70 -20.81
C GLU A 135 11.07 -20.44 -19.80
C GLU A 135 11.06 -20.44 -19.81
N ALA A 136 10.65 -21.66 -19.52
CA ALA A 136 11.35 -22.56 -18.58
C ALA A 136 11.27 -22.12 -17.15
N THR A 137 10.31 -21.26 -16.84
CA THR A 137 9.89 -21.03 -15.48
C THR A 137 8.43 -21.53 -15.36
N ASP A 138 7.95 -21.59 -14.12
CA ASP A 138 6.51 -21.88 -13.88
C ASP A 138 5.75 -20.61 -13.54
N ILE A 139 6.23 -19.47 -14.00
CA ILE A 139 5.61 -18.20 -13.65
C ILE A 139 4.49 -17.96 -14.67
N LYS A 140 3.26 -17.93 -14.20
CA LYS A 140 2.09 -17.71 -15.04
CA LYS A 140 2.10 -17.71 -15.04
C LYS A 140 1.82 -16.21 -15.09
N ILE A 141 1.60 -15.69 -16.27
CA ILE A 141 1.35 -14.28 -16.49
C ILE A 141 -0.05 -14.05 -17.00
N THR A 142 -0.72 -13.11 -16.36
CA THR A 142 -2.03 -12.67 -16.82
C THR A 142 -1.95 -11.18 -17.20
N VAL A 143 -2.36 -10.87 -18.43
CA VAL A 143 -2.32 -9.53 -18.94
C VAL A 143 -3.75 -8.99 -19.03
N TYR A 144 -3.99 -7.85 -18.38
CA TYR A 144 -5.31 -7.17 -18.31
C TYR A 144 -5.37 -5.99 -19.22
N THR A 145 -6.54 -5.80 -19.84
CA THR A 145 -6.91 -4.65 -20.63
CA THR A 145 -6.87 -4.58 -20.53
C THR A 145 -8.35 -4.26 -20.32
N LEU A 146 -8.69 -2.97 -20.35
CA LEU A 146 -10.08 -2.54 -20.07
C LEU A 146 -11.06 -2.92 -21.18
N ARG B 7 -22.85 4.46 18.16
CA ARG B 7 -21.59 5.04 17.59
C ARG B 7 -20.62 3.93 17.24
N ILE B 8 -20.48 3.00 18.17
CA ILE B 8 -19.63 1.89 18.00
C ILE B 8 -20.46 0.63 17.74
N THR B 9 -20.20 0.00 16.62
CA THR B 9 -20.69 -1.33 16.30
C THR B 9 -19.55 -2.31 16.50
N TYR B 10 -19.82 -3.41 17.19
CA TYR B 10 -18.79 -4.42 17.43
C TYR B 10 -19.00 -5.59 16.52
N VAL B 11 -17.92 -6.03 15.91
CA VAL B 11 -17.89 -7.19 15.06
C VAL B 11 -16.77 -8.14 15.51
N LYS B 12 -17.10 -9.43 15.67
CA LYS B 12 -16.09 -10.46 15.90
C LYS B 12 -15.61 -10.94 14.56
N GLY B 13 -14.33 -10.72 14.34
CA GLY B 13 -13.71 -11.15 13.11
C GLY B 13 -12.47 -10.36 12.75
N ASP B 14 -12.02 -10.60 11.51
N ASP B 14 -12.12 -10.41 11.46
CA ASP B 14 -10.92 -9.92 10.84
CA ASP B 14 -10.82 -9.96 10.96
C ASP B 14 -11.28 -8.44 10.84
C ASP B 14 -11.03 -8.50 10.56
N LEU B 15 -10.36 -7.56 11.26
CA LEU B 15 -10.45 -6.12 10.90
C LEU B 15 -10.28 -5.96 9.40
N PHE B 16 -9.37 -6.72 8.84
CA PHE B 16 -9.01 -6.56 7.45
C PHE B 16 -10.04 -7.14 6.48
N ALA B 17 -11.09 -7.72 7.02
CA ALA B 17 -12.26 -8.12 6.20
C ALA B 17 -13.30 -7.02 6.10
N CYS B 18 -13.05 -5.89 6.75
CA CYS B 18 -14.01 -4.81 6.71
C CYS B 18 -14.11 -4.23 5.29
N PRO B 19 -15.15 -3.40 5.05
CA PRO B 19 -15.28 -2.88 3.69
C PRO B 19 -14.01 -2.15 3.21
N LYS B 20 -13.69 -2.35 1.93
CA LYS B 20 -12.48 -1.78 1.34
C LYS B 20 -12.60 -0.24 1.28
N THR B 21 -13.80 0.25 1.46
CA THR B 21 -14.07 1.68 1.46
C THR B 21 -13.95 2.37 2.81
N ASP B 22 -13.95 1.60 3.88
CA ASP B 22 -13.78 2.16 5.23
C ASP B 22 -12.36 2.68 5.38
N SER B 23 -12.19 3.74 6.16
CA SER B 23 -10.86 4.08 6.64
C SER B 23 -10.57 3.25 7.90
N LEU B 24 -9.29 3.09 8.19
CA LEU B 24 -8.82 2.22 9.28
C LEU B 24 -8.03 3.03 10.27
N ALA B 25 -7.93 2.57 11.51
CA ALA B 25 -7.11 3.24 12.54
C ALA B 25 -6.48 2.21 13.48
N HIS B 26 -5.28 2.55 13.95
CA HIS B 26 -4.63 1.78 15.03
C HIS B 26 -3.56 2.66 15.64
N CYS B 27 -2.95 2.20 16.75
CA CYS B 27 -2.02 3.00 17.50
C CYS B 27 -0.58 2.56 17.34
N ILE B 28 0.32 3.53 17.19
CA ILE B 28 1.72 3.27 17.07
C ILE B 28 2.52 4.32 17.84
N SER B 29 3.83 4.16 17.89
CA SER B 29 4.74 5.15 18.46
C SER B 29 5.33 6.05 17.37
N GLU B 30 5.99 7.11 17.79
CA GLU B 30 6.72 7.99 16.88
C GLU B 30 7.74 7.26 16.05
N ASP B 31 8.28 6.17 16.56
CA ASP B 31 9.30 5.41 15.85
C ASP B 31 8.81 4.60 14.66
N CYS B 32 7.49 4.41 14.53
N CYS B 32 7.52 4.29 14.68
CA CYS B 32 6.95 3.69 13.35
CA CYS B 32 6.85 3.67 13.55
C CYS B 32 7.61 2.32 13.17
C CYS B 32 7.36 2.27 13.26
N ARG B 33 7.91 1.63 14.29
CA ARG B 33 8.49 0.28 14.21
C ARG B 33 7.44 -0.79 13.90
N MET B 34 6.28 -0.69 14.53
CA MET B 34 5.11 -1.53 14.23
C MET B 34 5.49 -3.00 14.24
N GLY B 35 6.15 -3.45 15.30
CA GLY B 35 6.71 -4.79 15.34
C GLY B 35 5.91 -5.89 15.96
N ALA B 36 4.77 -5.55 16.50
CA ALA B 36 3.98 -6.47 17.28
C ALA B 36 2.51 -6.18 17.17
N GLY B 37 1.67 -6.96 17.83
CA GLY B 37 0.27 -6.70 17.81
C GLY B 37 -0.32 -6.63 16.41
N ILE B 38 -1.44 -5.91 16.29
CA ILE B 38 -2.04 -5.69 15.00
C ILE B 38 -1.14 -4.79 14.15
N ALA B 39 -0.28 -3.99 14.78
CA ALA B 39 0.52 -3.04 14.00
C ALA B 39 1.40 -3.77 12.98
N VAL B 40 1.97 -4.90 13.34
CA VAL B 40 2.82 -5.60 12.38
C VAL B 40 2.04 -6.06 11.16
N LEU B 41 0.74 -6.30 11.31
CA LEU B 41 -0.12 -6.64 10.17
C LEU B 41 -0.39 -5.41 9.33
N PHE B 42 -0.64 -4.24 9.94
CA PHE B 42 -0.70 -3.00 9.16
C PHE B 42 0.58 -2.78 8.37
N LYS B 43 1.73 -3.01 9.02
CA LYS B 43 3.03 -2.82 8.38
C LYS B 43 3.13 -3.72 7.14
N LYS B 44 2.82 -5.00 7.33
CA LYS B 44 2.86 -5.99 6.24
C LYS B 44 1.95 -5.58 5.10
N LYS B 45 0.73 -5.21 5.43
CA LYS B 45 -0.30 -4.98 4.39
C LYS B 45 -0.05 -3.70 3.63
N PHE B 46 0.29 -2.61 4.31
CA PHE B 46 0.33 -1.28 3.72
C PHE B 46 1.71 -0.68 3.60
N GLY B 47 2.69 -1.15 4.38
CA GLY B 47 4.00 -0.49 4.34
C GLY B 47 3.89 0.98 4.68
N GLY B 48 4.60 1.82 3.93
CA GLY B 48 4.49 3.24 4.15
C GLY B 48 5.32 3.81 5.29
N VAL B 49 6.21 3.00 5.87
CA VAL B 49 6.99 3.48 7.02
C VAL B 49 7.72 4.79 6.75
N GLN B 50 8.40 4.88 5.62
CA GLN B 50 9.16 6.09 5.32
C GLN B 50 8.23 7.29 5.13
N GLU B 51 7.10 7.08 4.45
CA GLU B 51 6.15 8.17 4.28
C GLU B 51 5.61 8.64 5.66
N LEU B 52 5.34 7.70 6.53
CA LEU B 52 4.88 8.02 7.87
C LEU B 52 5.96 8.83 8.61
N LEU B 53 7.19 8.33 8.60
CA LEU B 53 8.28 9.06 9.26
C LEU B 53 8.41 10.47 8.73
N ASN B 54 8.22 10.63 7.43
CA ASN B 54 8.36 11.96 6.81
C ASN B 54 7.30 12.95 7.33
N GLN B 55 6.18 12.46 7.84
CA GLN B 55 5.18 13.37 8.40
C GLN B 55 5.58 13.97 9.76
N GLN B 56 6.57 13.35 10.42
CA GLN B 56 7.14 13.83 11.68
CA GLN B 56 7.14 13.92 11.64
C GLN B 56 6.09 14.16 12.74
N LYS B 57 5.13 13.25 12.86
CA LYS B 57 4.10 13.39 13.86
C LYS B 57 4.60 12.94 15.21
N LYS B 58 4.05 13.55 16.24
CA LYS B 58 4.46 13.34 17.63
C LYS B 58 3.30 12.78 18.43
N SER B 59 3.65 12.32 19.64
CA SER B 59 2.65 11.82 20.57
CA SER B 59 2.67 11.81 20.55
C SER B 59 1.49 12.81 20.70
N GLY B 60 0.28 12.28 20.59
CA GLY B 60 -0.95 13.06 20.59
C GLY B 60 -1.40 13.52 19.22
N GLU B 61 -0.73 13.08 18.16
CA GLU B 61 -1.04 13.49 16.81
C GLU B 61 -1.44 12.23 16.00
N VAL B 62 -1.70 12.39 14.71
CA VAL B 62 -2.05 11.28 13.82
C VAL B 62 -1.30 11.43 12.52
N ALA B 63 -0.70 10.33 12.06
CA ALA B 63 -0.11 10.25 10.72
C ALA B 63 -1.09 9.50 9.85
N VAL B 64 -1.04 9.79 8.54
CA VAL B 64 -2.09 9.28 7.67
C VAL B 64 -1.49 8.80 6.34
N LEU B 65 -1.93 7.64 5.89
CA LEU B 65 -1.65 7.20 4.53
C LEU B 65 -2.94 7.13 3.75
N LYS B 66 -2.77 7.21 2.43
N LYS B 66 -2.96 7.77 2.57
CA LYS B 66 -3.79 6.84 1.47
CA LYS B 66 -4.14 7.70 1.72
CA LYS B 66 -3.91 7.51 0.46
CA LYS B 66 -5.09 6.67 1.05
C LYS B 66 -3.50 5.45 0.91
C LYS B 66 -3.85 6.58 0.71
N ARG B 67 -4.45 4.54 1.06
N ARG B 67 -4.74 5.61 0.67
CA ARG B 67 -4.33 3.17 0.53
CA ARG B 67 -4.59 4.46 -0.20
C ARG B 67 -5.66 2.69 0.04
C ARG B 67 -5.96 4.06 -0.73
N ASP B 68 -5.69 2.13 -1.15
N ASP B 68 -6.08 3.96 -2.05
CA ASP B 68 -6.94 1.59 -1.72
CA ASP B 68 -7.30 3.50 -2.72
C ASP B 68 -8.11 2.61 -1.77
C ASP B 68 -8.49 4.35 -2.31
N GLY B 69 -7.79 3.89 -1.93
N GLY B 69 -8.28 5.66 -2.16
CA GLY B 69 -8.85 4.90 -2.03
CA GLY B 69 -9.43 6.58 -1.92
C GLY B 69 -9.48 5.30 -0.70
C GLY B 69 -9.90 6.67 -0.46
N ARG B 70 -8.87 4.94 0.44
N ARG B 70 -9.22 5.95 0.44
CA ARG B 70 -9.34 5.42 1.75
CA ARG B 70 -9.54 5.88 1.86
C ARG B 70 -8.15 5.94 2.60
C ARG B 70 -8.24 5.92 2.61
N TYR B 71 -8.38 6.22 3.88
CA TYR B 71 -7.28 6.58 4.77
C TYR B 71 -6.96 5.50 5.77
N ILE B 72 -5.67 5.43 6.08
CA ILE B 72 -5.18 4.56 7.12
C ILE B 72 -4.58 5.50 8.15
N TYR B 73 -5.17 5.54 9.36
CA TYR B 73 -4.77 6.44 10.44
C TYR B 73 -3.84 5.73 11.41
N TYR B 74 -2.71 6.35 11.65
CA TYR B 74 -1.68 5.84 12.55
C TYR B 74 -1.70 6.81 13.74
N LEU B 75 -2.41 6.44 14.81
CA LEU B 75 -2.58 7.29 16.00
C LEU B 75 -1.27 7.23 16.74
N ILE B 76 -0.55 8.33 16.80
CA ILE B 76 0.79 8.39 17.36
C ILE B 76 0.59 8.73 18.83
N THR B 77 0.54 7.70 19.69
CA THR B 77 0.08 7.88 21.06
C THR B 77 1.20 7.92 22.07
N LYS B 78 2.43 7.78 21.65
CA LYS B 78 3.58 7.67 22.55
C LYS B 78 4.86 7.81 21.73
N LYS B 79 5.96 8.08 22.42
N LYS B 79 5.97 8.03 22.43
CA LYS B 79 7.22 8.39 21.75
CA LYS B 79 7.22 8.41 21.77
C LYS B 79 7.88 7.12 21.20
C LYS B 79 8.06 7.23 21.28
N ARG B 80 8.16 6.17 22.06
CA ARG B 80 8.97 5.00 21.74
CA ARG B 80 8.97 5.01 21.71
C ARG B 80 8.08 3.77 21.76
N ALA B 81 8.45 2.77 20.97
CA ALA B 81 7.68 1.53 20.89
C ALA B 81 7.47 0.88 22.25
N SER B 82 8.49 0.88 23.10
CA SER B 82 8.38 0.27 24.39
C SER B 82 7.57 1.06 25.41
N HIS B 83 7.28 2.32 25.14
CA HIS B 83 6.48 3.08 26.10
C HIS B 83 5.07 2.57 26.16
N LYS B 84 4.36 3.00 27.20
CA LYS B 84 2.92 2.81 27.29
C LYS B 84 2.26 4.21 27.18
N PRO B 85 1.16 4.33 26.46
CA PRO B 85 0.55 5.65 26.27
C PRO B 85 -0.21 6.13 27.48
N THR B 86 -0.40 7.41 27.56
CA THR B 86 -1.37 8.01 28.48
C THR B 86 -2.75 8.08 27.78
N TYR B 87 -3.81 8.08 28.58
CA TYR B 87 -5.15 8.34 28.04
C TYR B 87 -5.20 9.71 27.38
N GLU B 88 -4.50 10.69 27.93
CA GLU B 88 -4.53 12.04 27.37
C GLU B 88 -3.98 12.04 25.95
N ASN B 89 -2.86 11.37 25.70
CA ASN B 89 -2.27 11.35 24.37
C ASN B 89 -3.11 10.53 23.42
N LEU B 90 -3.69 9.43 23.87
CA LEU B 90 -4.69 8.76 23.02
C LEU B 90 -5.80 9.69 22.61
N GLN B 91 -6.33 10.41 23.59
CA GLN B 91 -7.43 11.31 23.31
C GLN B 91 -7.05 12.36 22.24
N LYS B 92 -5.89 12.98 22.44
N LYS B 92 -5.89 12.96 22.42
CA LYS B 92 -5.39 13.96 21.50
CA LYS B 92 -5.40 13.95 21.48
C LYS B 92 -5.32 13.33 20.11
C LYS B 92 -5.21 13.37 20.10
N SER B 93 -4.72 12.15 20.00
CA SER B 93 -4.59 11.50 18.68
C SER B 93 -5.97 11.25 18.07
N LEU B 94 -6.93 10.80 18.87
CA LEU B 94 -8.28 10.58 18.39
C LEU B 94 -8.89 11.88 17.87
N GLU B 95 -8.72 12.96 18.62
N GLU B 95 -8.67 12.96 18.59
CA GLU B 95 -9.22 14.27 18.20
CA GLU B 95 -9.21 14.25 18.19
C GLU B 95 -8.58 14.66 16.87
C GLU B 95 -8.54 14.75 16.91
N ALA B 96 -7.28 14.43 16.71
CA ALA B 96 -6.61 14.75 15.44
C ALA B 96 -7.18 13.91 14.32
N MET B 97 -7.44 12.63 14.55
CA MET B 97 -8.09 11.81 13.53
C MET B 97 -9.46 12.35 13.18
N LYS B 98 -10.25 12.70 14.20
CA LYS B 98 -11.58 13.27 14.00
C LYS B 98 -11.52 14.49 13.12
N SER B 99 -10.59 15.38 13.40
N SER B 99 -10.61 15.39 13.42
CA SER B 99 -10.47 16.60 12.61
CA SER B 99 -10.48 16.59 12.61
C SER B 99 -10.13 16.34 11.15
C SER B 99 -10.26 16.22 11.15
N HIS B 100 -9.29 15.35 10.89
CA HIS B 100 -8.96 14.94 9.53
C HIS B 100 -10.17 14.29 8.88
N CYS B 101 -10.89 13.42 9.59
CA CYS B 101 -12.09 12.80 9.06
C CYS B 101 -13.08 13.83 8.60
N LEU B 102 -13.35 14.81 9.44
CA LEU B 102 -14.34 15.81 9.10
C LEU B 102 -13.92 16.60 7.88
N LYS B 103 -12.67 17.03 7.87
CA LYS B 103 -12.13 17.84 6.75
C LYS B 103 -12.18 17.11 5.43
N ASN B 104 -11.98 15.80 5.47
CA ASN B 104 -11.85 14.95 4.29
C ASN B 104 -13.06 14.05 3.99
N GLY B 105 -14.16 14.23 4.70
CA GLY B 105 -15.41 13.53 4.42
C GLY B 105 -15.42 12.02 4.69
N VAL B 106 -14.66 11.61 5.69
CA VAL B 106 -14.66 10.22 6.15
C VAL B 106 -15.87 10.01 7.03
N THR B 107 -16.63 8.98 6.70
CA THR B 107 -17.86 8.65 7.40
C THR B 107 -17.87 7.28 8.00
N ASP B 108 -16.92 6.42 7.62
CA ASP B 108 -16.90 5.04 8.10
C ASP B 108 -15.47 4.64 8.48
N LEU B 109 -15.29 4.30 9.76
CA LEU B 109 -13.97 3.94 10.33
CA LEU B 109 -14.01 4.01 10.25
C LEU B 109 -14.06 2.61 10.94
N SER B 110 -13.04 1.78 10.73
CA SER B 110 -12.90 0.49 11.39
C SER B 110 -11.58 0.43 12.11
N MET B 111 -11.57 -0.23 13.26
CA MET B 111 -10.40 -0.27 14.11
C MET B 111 -10.50 -1.49 15.03
N PRO B 112 -9.37 -1.95 15.58
CA PRO B 112 -9.38 -2.91 16.66
C PRO B 112 -9.68 -2.23 17.99
N ARG B 113 -9.52 -2.97 19.09
CA ARG B 113 -9.63 -2.37 20.43
C ARG B 113 -8.37 -1.58 20.75
N ILE B 114 -8.29 -0.42 20.09
CA ILE B 114 -7.07 0.39 20.10
C ILE B 114 -6.60 0.72 21.51
N GLY B 115 -5.31 0.58 21.76
CA GLY B 115 -4.69 0.90 23.01
C GLY B 115 -4.78 -0.17 24.06
N CYS B 116 -5.57 -1.21 23.82
CA CYS B 116 -5.98 -2.15 24.88
C CYS B 116 -5.37 -3.53 24.77
N GLY B 117 -4.34 -3.67 23.93
CA GLY B 117 -3.54 -4.91 23.93
C GLY B 117 -2.23 -4.60 24.60
N LEU B 118 -1.16 -4.56 23.85
CA LEU B 118 0.15 -4.26 24.38
C LEU B 118 0.25 -2.93 25.09
N ASP B 119 -0.56 -1.95 24.69
CA ASP B 119 -0.51 -0.61 25.31
C ASP B 119 -1.23 -0.51 26.65
N ARG B 120 -1.95 -1.58 27.04
CA ARG B 120 -2.42 -1.74 28.42
C ARG B 120 -3.54 -0.84 28.85
N LEU B 121 -4.12 -0.04 27.96
CA LEU B 121 -5.29 0.72 28.33
C LEU B 121 -6.47 -0.23 28.49
N GLN B 122 -7.55 0.24 29.09
CA GLN B 122 -8.77 -0.55 29.35
C GLN B 122 -9.87 -0.16 28.41
N TRP B 123 -10.48 -1.15 27.75
CA TRP B 123 -11.51 -0.85 26.73
C TRP B 123 -12.71 -0.17 27.37
N GLU B 124 -13.04 -0.45 28.64
CA GLU B 124 -14.12 0.28 29.30
C GLU B 124 -13.92 1.76 29.22
N ASN B 125 -12.67 2.22 29.28
CA ASN B 125 -12.37 3.63 29.17
C ASN B 125 -12.28 4.08 27.72
N VAL B 126 -11.55 3.35 26.89
CA VAL B 126 -11.32 3.76 25.51
C VAL B 126 -12.64 3.85 24.75
N SER B 127 -13.56 2.93 24.98
CA SER B 127 -14.84 2.97 24.29
C SER B 127 -15.60 4.27 24.62
N ALA B 128 -15.64 4.62 25.91
CA ALA B 128 -16.28 5.88 26.33
C ALA B 128 -15.57 7.06 25.73
N MET B 129 -14.25 7.04 25.70
CA MET B 129 -13.47 8.11 25.09
C MET B 129 -13.83 8.31 23.61
N ILE B 130 -13.89 7.22 22.86
CA ILE B 130 -14.27 7.30 21.45
C ILE B 130 -15.66 7.91 21.33
N GLU B 131 -16.61 7.45 22.13
CA GLU B 131 -17.96 7.99 22.09
C GLU B 131 -17.96 9.48 22.37
N GLU B 132 -17.20 9.93 23.36
CA GLU B 132 -17.23 11.34 23.69
C GLU B 132 -16.56 12.17 22.60
N VAL B 133 -15.45 11.69 22.05
CA VAL B 133 -14.73 12.45 21.01
C VAL B 133 -15.59 12.56 19.75
N PHE B 134 -16.24 11.46 19.36
CA PHE B 134 -16.96 11.41 18.06
C PHE B 134 -18.40 11.81 18.12
N GLU B 135 -18.92 12.10 19.31
N GLU B 135 -18.93 12.12 19.29
CA GLU B 135 -20.27 12.56 19.45
CA GLU B 135 -20.33 12.55 19.41
C GLU B 135 -20.49 13.75 18.54
C GLU B 135 -20.61 13.74 18.51
N ALA B 136 -21.67 13.77 17.91
N ALA B 136 -21.79 13.72 17.87
CA ALA B 136 -22.08 14.92 17.05
CA ALA B 136 -22.22 14.83 17.01
C ALA B 136 -21.27 15.07 15.76
C ALA B 136 -21.60 14.79 15.63
N THR B 137 -20.78 13.93 15.29
N THR B 137 -20.70 13.86 15.37
CA THR B 137 -20.07 13.90 13.99
CA THR B 137 -20.32 13.63 14.00
C THR B 137 -20.68 13.07 12.87
C THR B 137 -21.22 12.55 13.44
N ASP B 138 -21.49 12.08 13.19
N ASP B 138 -21.13 12.35 12.12
CA ASP B 138 -22.03 11.09 12.20
CA ASP B 138 -21.79 11.24 11.43
C ASP B 138 -21.04 10.02 11.59
C ASP B 138 -20.75 10.21 11.09
N ILE B 139 -19.75 10.09 11.96
CA ILE B 139 -18.73 9.09 11.69
C ILE B 139 -19.12 7.77 12.40
N LYS B 140 -19.35 6.71 11.61
CA LYS B 140 -19.70 5.38 12.11
CA LYS B 140 -19.73 5.40 12.09
C LYS B 140 -18.43 4.62 12.36
N ILE B 141 -18.30 4.06 13.55
CA ILE B 141 -17.13 3.31 13.98
C ILE B 141 -17.49 1.86 14.21
N THR B 142 -16.67 1.00 13.60
CA THR B 142 -16.78 -0.42 13.81
C THR B 142 -15.51 -0.93 14.45
N VAL B 143 -15.67 -1.59 15.60
CA VAL B 143 -14.58 -2.14 16.36
C VAL B 143 -14.60 -3.66 16.19
N TYR B 144 -13.49 -4.19 15.68
CA TYR B 144 -13.30 -5.62 15.46
C TYR B 144 -12.58 -6.25 16.62
N THR B 145 -13.10 -7.38 17.08
CA THR B 145 -12.80 -7.94 18.39
C THR B 145 -12.48 -9.42 18.18
N1 A1R C . -6.70 1.86 -16.44
N1 A1R C . -5.86 -1.93 -16.37
C2 A1R C . -6.41 0.64 -17.01
C2 A1R C . -5.22 -2.57 -17.41
N3 A1R C . -5.48 0.52 -18.01
N3 A1R C . -4.74 -1.86 -18.46
C4 A1R C . -4.94 1.68 -18.34
C4 A1R C . -4.70 -0.54 -18.21
C5 A1R C . -5.12 2.91 -17.80
C5 A1R C . -5.27 0.15 -17.18
C6 A1R C . -6.04 2.95 -16.80
C6 A1R C . -5.91 -0.59 -16.29
N6 A1R C . -6.42 4.15 -16.15
N6 A1R C . -6.53 0.01 -15.19
N7 A1R C . -4.33 3.82 -18.40
N7 A1R C . -5.04 1.49 -17.31
C8 A1R C . -3.60 3.16 -19.27
C8 A1R C . -4.33 1.58 -18.43
N9 A1R C . -3.98 1.87 -19.30
N9 A1R C . -4.13 0.38 -19.01
C1' A1R C . -3.40 0.83 -20.16
C1' A1R C . -3.39 0.06 -20.23
C2' A1R C . -2.98 1.25 -21.58
C2' A1R C . -3.17 1.11 -21.32
O2' A1R C . -4.07 1.42 -22.42
O2' A1R C . -4.31 1.47 -22.01
C3' A1R C . -2.17 0.09 -21.87
C3' A1R C . -2.19 0.28 -22.03
O3' A1R C . -2.72 -0.92 -22.55
O3' A1R C . -2.42 -0.22 -23.28
O4' A1R C . -2.26 0.23 -19.60
O4' A1R C . -2.10 -0.34 -19.86
C4' A1R C . -1.40 -0.19 -20.66
C4' A1R C . -1.27 -0.29 -21.01
C5' A1R C . -0.01 0.41 -20.47
C5' A1R C . 0.03 0.40 -20.60
O5' A1R C . -0.05 1.79 -20.78
PA A1R C . 0.55 2.88 -19.77
O1A A1R C . -0.19 2.81 -18.51
O2A A1R C . 0.59 4.11 -20.57
O3A A1R C . 2.00 2.27 -19.46
PB A1R C . 3.39 2.30 -20.29
O1B A1R C . 3.12 2.37 -21.75
O2B A1R C . 4.15 1.17 -19.71
O5N A1R C . 4.01 3.69 -19.86
C5N A1R C . 4.65 3.85 -18.61
N4N A1R C . 3.60 6.03 -18.07
C1N A1R C . 3.57 6.37 -16.64
O2N A1R C . 5.12 6.13 -14.78
C2N A1R C . 4.71 5.60 -16.02
O3N A1R C . 6.40 6.87 -17.19
C3N A1R C . 5.73 5.60 -17.11
C4N A1R C . 4.89 5.30 -18.34
H2 A1R C . -6.88 -0.15 -16.70
H2 A1R C . -4.91 -3.48 -17.28
HN61 A1R C . -5.82 4.81 -16.04
HN61 A1R C . -6.96 0.81 -15.28
HN62 A1R C . -7.27 4.25 -15.84
HN62 A1R C . -6.50 -0.39 -14.37
H8 A1R C . -2.98 3.57 -19.87
H8 A1R C . -4.01 2.41 -18.79
H1' A1R C . -4.10 0.16 -20.27
H1' A1R C . -3.87 -0.67 -20.65
H2' A1R C . -2.42 2.04 -21.55
H2' A1R C . -2.72 1.89 -20.94
HO2' A1R C . -4.51 0.65 -22.51
HO2' A1R C . -4.28 1.12 -22.83
H3' A1R C . -1.47 0.43 -22.48
H3' A1R C . -1.59 0.99 -22.33
HO3' A1R C . -3.24 -1.38 -22.00
HO3' A1R C . -2.03 -1.00 -23.36
H4' A1R C . -1.27 -1.16 -20.61
H4' A1R C . -1.03 -1.19 -21.29
H5'1 A1R C . 0.27 0.28 -19.56
H5'1 A1R C . 0.21 0.22 -19.65
H5'2 A1R C . 0.62 -0.04 -21.08
H5'2 A1R C . 0.78 0.05 -21.14
H5N1 A1R C . 5.50 3.37 -18.61
H5N2 A1R C . 4.09 3.48 -17.91
HN4N A1R C . 3.03 6.51 -18.63
H1N1 A1R C . 3.70 7.34 -16.52
H1N2 A1R C . 2.72 6.11 -16.23
HO2N A1R C . 5.49 6.91 -14.90
H2N A1R C . 4.43 4.68 -15.88
HO3N A1R C . 6.00 7.38 -17.81
H3N A1R C . 6.38 4.91 -16.96
H4N A1R C . 5.29 5.67 -19.15
CL CL D . 7.60 7.90 -13.68
CL CL E . 7.02 4.75 1.79
C1 EDO F . 13.55 4.43 -9.19
O1 EDO F . 13.62 5.64 -8.43
C2 EDO F . 13.22 3.35 -8.21
O2 EDO F . 14.30 3.14 -7.34
H11 EDO F . 14.50 4.23 -9.67
H12 EDO F . 12.77 4.49 -9.95
HO1 EDO F . 14.10 6.30 -8.94
H21 EDO F . 13.01 2.42 -8.75
H22 EDO F . 12.33 3.61 -7.64
HO2 EDO F . 13.98 2.70 -6.54
C1 EDO G . -4.90 -5.76 -6.44
O1 EDO G . -4.60 -5.67 -5.08
C2 EDO G . -5.36 -7.19 -6.60
O2 EDO G . -4.23 -8.05 -6.36
H11 EDO G . -4.02 -5.57 -7.05
H12 EDO G . -5.68 -5.04 -6.71
HO1 EDO G . -5.22 -5.02 -4.64
H21 EDO G . -5.76 -7.35 -7.60
H22 EDO G . -6.15 -7.41 -5.87
HO2 EDO G . -4.38 -8.90 -6.80
C1 EDO H . 20.75 -8.16 -22.05
O1 EDO H . 20.00 -7.65 -23.16
C2 EDO H . 20.00 -9.27 -21.27
O2 EDO H . 18.74 -8.75 -20.80
H11 EDO H . 20.98 -7.34 -21.37
H12 EDO H . 21.70 -8.56 -22.40
HO1 EDO H . 20.41 -6.82 -23.48
H21 EDO H . 20.61 -9.54 -20.40
H22 EDO H . 19.89 -10.19 -21.86
HO2 EDO H . 18.82 -8.51 -19.87
N1 A1R I . -8.09 -7.71 14.16
N1 A1R I . -4.76 -10.06 14.93
C2 A1R I . -8.69 -7.04 15.24
C2 A1R I . -5.91 -9.37 15.26
N3 A1R I . -8.12 -6.98 16.51
N3 A1R I . -6.01 -8.62 16.41
C4 A1R I . -6.87 -7.48 16.53
C4 A1R I . -4.84 -8.57 17.07
C5 A1R I . -6.22 -8.11 15.52
C5 A1R I . -3.65 -9.09 16.71
C6 A1R I . -6.88 -8.25 14.33
C6 A1R I . -3.62 -9.77 15.56
N6 A1R I . -6.27 -8.79 13.17
N6 A1R I . -2.47 -10.44 15.09
N7 A1R I . -5.00 -8.44 15.95
N7 A1R I . -2.69 -8.81 17.64
C8 A1R I . -4.91 -8.04 17.21
C8 A1R I . -3.32 -8.11 18.57
N9 A1R I . -6.04 -7.45 17.61
N9 A1R I . -4.63 -7.95 18.26
C1' A1R I . -6.39 -6.83 18.91
C1' A1R I . -5.64 -7.23 19.07
C2' A1R I . -5.70 -7.25 20.19
C2' A1R I . -5.42 -7.19 20.58
O2' A1R I . -6.13 -8.55 20.57
O2' A1R I . -5.72 -8.39 21.22
C3' A1R I . -6.22 -6.15 20.98
C3' A1R I . -6.29 -6.06 20.88
O3' A1R I . -7.27 -6.50 21.75
O3' A1R I . -7.57 -6.24 21.26
O4' A1R I . -6.17 -5.45 18.82
O4' A1R I . -5.68 -5.84 18.71
C4' A1R I . -6.17 -4.92 20.13
C4' A1R I . -6.05 -5.05 19.84
C5' A1R I . -5.04 -3.91 20.27
C5' A1R I . -5.02 -3.97 20.10
O5' A1R I . -3.85 -4.55 20.68
PA A1R I . -2.43 -4.20 20.05
O1A A1R I . -2.34 -4.63 18.67
O2A A1R I . -1.43 -4.73 21.01
O3A A1R I . -2.45 -2.61 20.01
PB A1R I . -2.18 -1.48 21.15
O1B A1R I . -2.56 -2.02 22.48
O2B A1R I . -2.84 -0.27 20.62
O5N A1R I . -0.61 -1.34 21.15
C5N A1R I . 0.05 -0.54 20.12
N4N A1R I . 1.88 -2.21 19.75
C1N A1R I . 2.53 -2.12 18.44
O2N A1R I . 3.25 -0.23 17.02
C2N A1R I . 2.33 -0.69 18.03
O3N A1R I . 3.74 0.22 19.80
C3N A1R I . 2.38 0.06 19.34
C4N A1R I . 1.54 -0.82 20.22
H2 A1R I . -9.33 -6.34 15.00
H2 A1R I . -6.67 -9.41 14.66
HN61 A1R I . -5.40 -9.00 13.18
HN61 A1R I . -1.65 -10.22 15.42
HN62 A1R I . -6.77 -8.92 12.43
HN62 A1R I . -2.55 -11.09 14.46
H8 A1R I . -4.14 -8.16 17.77
H8 A1R I . -2.90 -7.77 19.36
H1' A1R I . -7.34 -7.01 19.04
H1' A1R I . -6.50 -7.66 18.91
H2' A1R I . -4.74 -7.19 20.12
H2' A1R I . -4.50 -6.93 20.77
HO2' A1R I . -5.93 -8.69 21.42
HO2' A1R I . -6.54 -8.34 21.58
H3' A1R I . -5.52 -5.96 21.65
H3' A1R I . -5.88 -5.65 21.67
HO3' A1R I . -7.58 -5.79 22.18
HO3' A1R I . -8.12 -6.06 20.59
H4' A1R I . -6.99 -4.43 20.29
H4' A1R I . -6.90 -4.59 19.67
H5'1 A1R I . -4.89 -3.48 19.41
H5'1 A1R I . -4.80 -3.52 19.27
H5'2 A1R I . -5.29 -3.24 20.94
H5'2 A1R I . -5.38 -3.31 20.74
H5N1 A1R I . -0.13 0.40 20.26
H5N2 A1R I . -0.28 -0.81 19.25
HN4N A1R I . 1.98 -3.00 20.23
H1N1 A1R I . 3.48 -2.32 18.51
H1N2 A1R I . 2.11 -2.72 17.79
HO2N A1R I . 4.04 -0.14 17.38
H2N A1R I . 1.43 -0.59 17.67
HO3N A1R I . 3.93 -0.39 20.41
H3N A1R I . 1.97 0.93 19.23
H4N A1R I . 1.80 -0.73 21.16
CL CL J . 5.95 1.58 16.93
C1 EDO K . 5.56 9.33 13.64
O1 EDO K . 6.90 9.77 13.44
C2 EDO K . 4.74 9.46 12.39
O2 EDO K . 4.95 10.66 11.71
H11 EDO K . 5.08 9.89 14.44
H12 EDO K . 5.57 8.28 13.94
HO1 EDO K . 7.37 9.71 14.27
H21 EDO K . 3.68 9.38 12.65
H22 EDO K . 4.97 8.64 11.72
HO2 EDO K . 4.25 10.78 11.05
C1 EDO L . -10.74 14.86 0.65
O1 EDO L . -9.35 15.18 0.59
C2 EDO L . -11.61 16.11 0.55
O2 EDO L . -12.82 15.72 -0.10
H11 EDO L . -10.99 14.34 1.59
H12 EDO L . -11.00 14.21 -0.19
HO1 EDO L . -8.83 14.36 0.60
H21 EDO L . -11.12 16.91 0.00
H22 EDO L . -11.84 16.48 1.55
HO2 EDO L . -13.38 16.49 -0.23
C1 EDO M . -10.06 -3.69 4.65
O1 EDO M . -10.52 -2.33 4.54
C2 EDO M . -8.56 -3.78 4.43
O2 EDO M . -8.43 -3.48 3.03
H11 EDO M . -10.57 -4.31 3.91
H12 EDO M . -10.30 -4.09 5.63
HO1 EDO M . -11.48 -2.30 4.71
H21 EDO M . -8.19 -4.79 4.65
H22 EDO M . -8.02 -3.06 5.04
HO2 EDO M . -7.99 -4.22 2.59
C1 EDO N . 5.31 -13.56 8.74
O1 EDO N . 4.52 -12.42 8.49
C2 EDO N . 4.46 -14.66 9.37
O2 EDO N . 3.22 -14.87 8.69
H11 EDO N . 6.12 -13.31 9.41
H12 EDO N . 5.74 -13.94 7.81
HO1 EDO N . 5.07 -11.73 8.08
H21 EDO N . 4.26 -14.41 10.41
H22 EDO N . 5.01 -15.59 9.35
HO2 EDO N . 2.78 -15.66 9.04
#